data_4XUL
#
_entry.id   4XUL
#
_cell.length_a   99.360
_cell.length_b   99.360
_cell.length_c   168.994
_cell.angle_alpha   90.000
_cell.angle_beta   90.000
_cell.angle_gamma   90.000
#
_symmetry.space_group_name_H-M   'P 43 21 2'
#
loop_
_entity.id
_entity.type
_entity.pdbx_description
1 polymer mg662
2 non-polymer 'MAGNESIUM ION'
3 non-polymer 'SODIUM ION'
4 non-polymer "GUANOSINE-5'-TRIPHOSPHATE"
5 water water
#
_entity_poly.entity_id   1
_entity_poly.type   'polypeptide(L)'
_entity_poly.pdbx_seq_one_letter_code
;GSSHHHHHHSLEVLFQGPGSLIYTYKLEKYVRTKIFPKILLIPDKNRYIIKGSFRRRVPFVTDIDVVNNVYPEISRENIY
DEIIKLVNNIQSDPNIILAYLSCGTDERFKISTGSSKELSNIQSLLPDNEKNEFQLVLNKYYNDQQKKLFFLNELIWDHY
KLRWKPEDVLIGSMNLANNVSVNFRETVENNSTILLQYYVKLGSYPVGIDVVINYQKIDLTPAYKNAALYQLQLANYSRE
YYYMLFPLRYYFKNNQDISQRLENIIEKKYGLYKQLMVRIDDYHTLYKSGNLKIDMATNIVIGILRDIEKLPGFESDTIY
QIKKVATNNSPSIKIEEWDILLKVLYQEINTAVNNKSRKYFYRYIAMVPPQDRSKNYISENQDMRLKMVN
;
_entity_poly.pdbx_strand_id   A
#
loop_
_chem_comp.id
_chem_comp.type
_chem_comp.name
_chem_comp.formula
GTP non-polymer GUANOSINE-5'-TRIPHOSPHATE 'C10 H16 N5 O14 P3'
MG non-polymer 'MAGNESIUM ION' 'Mg 2'
NA non-polymer 'SODIUM ION' 'Na 1'
#
# COMPACT_ATOMS: atom_id res chain seq x y z
N HIS A 8 -12.08 23.80 42.04
CA HIS A 8 -12.55 23.82 40.65
C HIS A 8 -11.46 24.27 39.67
N HIS A 9 -11.41 23.62 38.51
CA HIS A 9 -10.50 24.00 37.43
C HIS A 9 -11.21 23.99 36.07
N SER A 10 -10.70 24.76 35.13
CA SER A 10 -11.27 24.81 33.79
C SER A 10 -10.34 24.19 32.76
N PRO A 18 -4.80 22.86 11.02
CA PRO A 18 -5.38 21.57 10.62
C PRO A 18 -4.99 20.44 11.57
N GLY A 19 -4.68 19.28 11.01
CA GLY A 19 -4.34 18.11 11.80
C GLY A 19 -4.41 16.85 10.95
N SER A 20 -3.98 15.73 11.52
CA SER A 20 -4.05 14.46 10.80
C SER A 20 -5.51 14.04 10.65
N LEU A 21 -5.82 13.33 9.57
CA LEU A 21 -7.20 12.99 9.27
C LEU A 21 -7.77 11.99 10.29
N ILE A 22 -8.85 12.40 10.95
CA ILE A 22 -9.51 11.55 11.93
C ILE A 22 -10.86 11.08 11.37
N TYR A 23 -11.23 9.84 11.67
CA TYR A 23 -12.50 9.34 11.18
C TYR A 23 -13.68 10.04 11.83
N THR A 24 -14.60 10.50 10.99
CA THR A 24 -15.92 10.93 11.43
C THR A 24 -16.94 10.34 10.48
N TYR A 25 -18.16 10.13 10.93
CA TYR A 25 -19.22 9.64 10.06
C TYR A 25 -19.49 10.65 8.94
N LYS A 26 -19.25 11.92 9.23
CA LYS A 26 -19.36 12.99 8.24
C LYS A 26 -18.40 12.75 7.08
N LEU A 27 -17.21 12.28 7.41
CA LEU A 27 -16.20 11.95 6.40
C LEU A 27 -16.68 10.83 5.50
N GLU A 28 -17.16 9.75 6.10
CA GLU A 28 -17.64 8.60 5.33
C GLU A 28 -18.80 8.98 4.40
N LYS A 29 -19.74 9.78 4.89
CA LYS A 29 -20.89 10.18 4.08
C LYS A 29 -20.42 10.99 2.88
N TYR A 30 -19.40 11.81 3.10
CA TYR A 30 -18.83 12.60 2.02
C TYR A 30 -18.21 11.74 0.92
N VAL A 31 -17.42 10.73 1.30
CA VAL A 31 -16.74 9.93 0.28
C VAL A 31 -17.73 9.05 -0.47
N ARG A 32 -18.77 8.58 0.22
CA ARG A 32 -19.76 7.71 -0.40
C ARG A 32 -20.68 8.47 -1.36
N THR A 33 -21.00 9.72 -1.03
CA THR A 33 -21.96 10.49 -1.82
C THR A 33 -21.30 11.42 -2.83
N LYS A 34 -20.09 11.88 -2.54
CA LYS A 34 -19.42 12.84 -3.41
C LYS A 34 -18.25 12.22 -4.19
N ILE A 35 -17.51 11.29 -3.57
CA ILE A 35 -16.32 10.74 -4.20
C ILE A 35 -16.60 9.45 -4.98
N PHE A 36 -17.25 8.49 -4.34
CA PHE A 36 -17.53 7.19 -4.96
C PHE A 36 -18.28 7.27 -6.29
N PRO A 37 -19.26 8.19 -6.43
CA PRO A 37 -19.91 8.25 -7.74
C PRO A 37 -18.97 8.62 -8.89
N LYS A 38 -17.80 9.18 -8.56
CA LYS A 38 -16.85 9.61 -9.57
C LYS A 38 -15.76 8.56 -9.88
N ILE A 39 -15.48 7.68 -8.92
CA ILE A 39 -14.34 6.78 -9.08
C ILE A 39 -14.71 5.31 -9.20
N LEU A 40 -15.99 4.98 -8.99
CA LEU A 40 -16.45 3.61 -9.17
C LEU A 40 -17.05 3.44 -10.56
N LEU A 41 -17.08 2.19 -11.05
CA LEU A 41 -17.69 1.91 -12.35
C LEU A 41 -19.19 1.73 -12.22
N ILE A 42 -19.63 1.12 -11.11
CA ILE A 42 -21.05 1.04 -10.78
C ILE A 42 -21.25 1.53 -9.35
N PRO A 43 -21.59 2.82 -9.22
CA PRO A 43 -21.64 3.52 -7.93
C PRO A 43 -22.79 3.11 -7.01
N ASP A 44 -23.61 2.15 -7.42
CA ASP A 44 -24.74 1.72 -6.58
C ASP A 44 -24.25 1.05 -5.31
N LYS A 45 -24.85 1.41 -4.17
CA LYS A 45 -24.40 0.98 -2.86
C LYS A 45 -24.43 -0.54 -2.67
N ASN A 46 -25.26 -1.22 -3.45
CA ASN A 46 -25.34 -2.68 -3.35
C ASN A 46 -24.30 -3.36 -4.24
N ARG A 47 -23.55 -2.56 -4.98
CA ARG A 47 -22.55 -3.09 -5.90
C ARG A 47 -21.11 -2.81 -5.45
N TYR A 48 -20.96 -2.23 -4.26
CA TYR A 48 -19.61 -2.06 -3.73
C TYR A 48 -19.56 -2.31 -2.22
N ILE A 49 -18.38 -2.72 -1.78
CA ILE A 49 -18.16 -3.01 -0.36
C ILE A 49 -16.89 -2.31 0.12
N ILE A 50 -17.00 -1.59 1.23
CA ILE A 50 -15.83 -1.00 1.86
C ILE A 50 -15.13 -2.05 2.71
N LYS A 51 -13.83 -2.19 2.53
CA LYS A 51 -13.04 -3.16 3.27
C LYS A 51 -11.95 -2.47 4.07
N GLY A 52 -11.13 -3.26 4.75
CA GLY A 52 -9.98 -2.73 5.46
C GLY A 52 -10.32 -1.90 6.68
N SER A 53 -9.42 -1.00 7.05
CA SER A 53 -9.53 -0.26 8.30
C SER A 53 -10.62 0.81 8.30
N PHE A 54 -10.99 1.30 7.12
CA PHE A 54 -12.03 2.32 7.04
C PHE A 54 -13.40 1.72 7.33
N ARG A 55 -13.57 0.44 7.00
CA ARG A 55 -14.78 -0.28 7.36
C ARG A 55 -14.90 -0.43 8.88
N ARG A 56 -13.76 -0.54 9.55
CA ARG A 56 -13.74 -0.65 11.00
C ARG A 56 -13.73 0.73 11.65
N ARG A 57 -13.74 1.76 10.81
CA ARG A 57 -13.82 3.15 11.26
C ARG A 57 -12.70 3.51 12.26
N VAL A 58 -11.48 3.10 11.95
CA VAL A 58 -10.34 3.38 12.82
C VAL A 58 -10.08 4.89 12.88
N PRO A 59 -9.72 5.40 14.07
CA PRO A 59 -9.58 6.85 14.30
C PRO A 59 -8.55 7.53 13.41
N PHE A 60 -7.36 6.93 13.26
CA PHE A 60 -6.34 7.52 12.40
C PHE A 60 -6.46 6.96 10.99
N VAL A 61 -7.24 7.64 10.16
CA VAL A 61 -7.51 7.22 8.79
C VAL A 61 -6.21 7.05 8.00
N THR A 62 -6.05 5.88 7.38
CA THR A 62 -4.89 5.62 6.54
C THR A 62 -5.26 5.75 5.07
N ASP A 63 -6.11 4.83 4.61
CA ASP A 63 -6.65 4.90 3.26
C ASP A 63 -8.05 4.32 3.25
N ILE A 64 -8.64 4.26 2.06
CA ILE A 64 -9.96 3.66 1.93
C ILE A 64 -9.92 2.56 0.86
N ASP A 65 -10.35 1.36 1.25
CA ASP A 65 -10.28 0.20 0.36
C ASP A 65 -11.69 -0.24 -0.04
N VAL A 66 -11.94 -0.32 -1.34
CA VAL A 66 -13.28 -0.62 -1.86
C VAL A 66 -13.24 -1.69 -2.94
N VAL A 67 -14.25 -2.56 -2.95
CA VAL A 67 -14.41 -3.53 -4.01
C VAL A 67 -15.70 -3.27 -4.77
N ASN A 68 -15.58 -3.11 -6.09
CA ASN A 68 -16.72 -2.88 -6.95
C ASN A 68 -17.00 -4.14 -7.76
N ASN A 69 -18.12 -4.79 -7.46
CA ASN A 69 -18.51 -6.00 -8.18
C ASN A 69 -19.42 -5.67 -9.36
N VAL A 70 -18.83 -5.56 -10.54
CA VAL A 70 -19.52 -4.98 -11.69
C VAL A 70 -20.09 -6.01 -12.68
N TYR A 71 -19.76 -7.29 -12.47
CA TYR A 71 -20.31 -8.36 -13.28
C TYR A 71 -21.79 -8.55 -12.95
N PRO A 72 -22.64 -8.76 -13.99
CA PRO A 72 -22.32 -8.93 -15.41
C PRO A 72 -22.44 -7.67 -16.27
N GLU A 73 -22.92 -6.57 -15.72
CA GLU A 73 -23.06 -5.33 -16.48
C GLU A 73 -21.73 -4.94 -17.12
N ILE A 74 -20.64 -5.17 -16.39
CA ILE A 74 -19.32 -4.99 -16.93
C ILE A 74 -18.56 -6.31 -16.81
N SER A 75 -18.07 -6.80 -17.94
CA SER A 75 -17.37 -8.06 -18.02
C SER A 75 -16.18 -7.89 -18.95
N ARG A 76 -15.61 -9.01 -19.40
CA ARG A 76 -14.50 -8.96 -20.35
C ARG A 76 -14.92 -8.40 -21.70
N GLU A 77 -16.22 -8.47 -21.98
CA GLU A 77 -16.76 -7.96 -23.25
C GLU A 77 -16.56 -6.46 -23.37
N ASN A 78 -16.71 -5.74 -22.27
CA ASN A 78 -16.69 -4.29 -22.33
C ASN A 78 -15.80 -3.61 -21.28
N ILE A 79 -14.98 -4.40 -20.57
CA ILE A 79 -14.14 -3.84 -19.52
C ILE A 79 -13.15 -2.81 -20.08
N TYR A 80 -12.66 -3.05 -21.29
CA TYR A 80 -11.70 -2.12 -21.90
C TYR A 80 -12.32 -0.75 -22.13
N ASP A 81 -13.49 -0.73 -22.78
CA ASP A 81 -14.16 0.53 -23.08
C ASP A 81 -14.56 1.27 -21.80
N GLU A 82 -14.99 0.51 -20.80
CA GLU A 82 -15.40 1.12 -19.54
C GLU A 82 -14.21 1.72 -18.79
N ILE A 83 -13.07 1.05 -18.84
CA ILE A 83 -11.88 1.53 -18.15
C ILE A 83 -11.32 2.77 -18.86
N ILE A 84 -11.27 2.73 -20.19
CA ILE A 84 -10.79 3.87 -20.98
C ILE A 84 -11.63 5.11 -20.69
N LYS A 85 -12.94 4.91 -20.61
CA LYS A 85 -13.89 5.99 -20.32
C LYS A 85 -13.68 6.53 -18.91
N LEU A 86 -13.49 5.63 -17.95
CA LEU A 86 -13.25 6.02 -16.57
C LEU A 86 -11.96 6.83 -16.44
N VAL A 87 -10.88 6.34 -17.04
CA VAL A 87 -9.59 7.01 -16.98
C VAL A 87 -9.66 8.39 -17.63
N ASN A 88 -10.37 8.50 -18.74
CA ASN A 88 -10.52 9.79 -19.41
C ASN A 88 -11.28 10.79 -18.54
N ASN A 89 -12.30 10.32 -17.83
CA ASN A 89 -13.04 11.16 -16.91
C ASN A 89 -12.17 11.64 -15.75
N ILE A 90 -11.34 10.75 -15.22
CA ILE A 90 -10.49 11.09 -14.09
C ILE A 90 -9.43 12.12 -14.48
N GLN A 91 -8.83 11.93 -15.65
CA GLN A 91 -7.81 12.86 -16.14
C GLN A 91 -8.37 14.26 -16.35
N SER A 92 -9.68 14.36 -16.54
CA SER A 92 -10.35 15.64 -16.71
C SER A 92 -10.76 16.25 -15.37
N ASP A 93 -10.71 15.45 -14.31
CA ASP A 93 -11.06 15.95 -12.98
C ASP A 93 -9.81 16.41 -12.25
N PRO A 94 -9.74 17.72 -11.95
CA PRO A 94 -8.57 18.30 -11.28
C PRO A 94 -8.53 17.99 -9.79
N ASN A 95 -9.59 17.39 -9.25
CA ASN A 95 -9.69 17.10 -7.83
C ASN A 95 -9.46 15.63 -7.49
N ILE A 96 -9.30 14.79 -8.51
CA ILE A 96 -9.04 13.37 -8.31
C ILE A 96 -7.82 12.93 -9.10
N ILE A 97 -6.90 12.25 -8.43
CA ILE A 97 -5.70 11.75 -9.07
C ILE A 97 -5.76 10.22 -9.22
N LEU A 98 -5.43 9.73 -10.41
CA LEU A 98 -5.27 8.29 -10.61
C LEU A 98 -3.79 8.02 -10.79
N ALA A 99 -3.15 7.50 -9.74
CA ALA A 99 -1.72 7.28 -9.76
C ALA A 99 -1.35 6.09 -10.62
N TYR A 100 -1.93 4.94 -10.31
CA TYR A 100 -1.63 3.71 -11.02
C TYR A 100 -2.87 2.87 -11.24
N LEU A 101 -2.83 2.08 -12.31
CA LEU A 101 -3.83 1.07 -12.56
C LEU A 101 -3.09 -0.26 -12.64
N SER A 102 -3.45 -1.22 -11.79
CA SER A 102 -2.75 -2.50 -11.75
C SER A 102 -3.60 -3.62 -12.35
N CYS A 103 -3.02 -4.31 -13.33
CA CYS A 103 -3.70 -5.42 -13.99
C CYS A 103 -2.69 -6.28 -14.76
N GLY A 104 -2.75 -7.59 -14.53
CA GLY A 104 -1.95 -8.52 -15.29
C GLY A 104 -0.58 -8.82 -14.71
N THR A 105 0.07 -9.84 -15.26
CA THR A 105 1.39 -10.24 -14.81
C THR A 105 2.36 -10.44 -15.96
N ASP A 106 3.63 -10.23 -15.66
CA ASP A 106 4.72 -10.61 -16.56
C ASP A 106 5.28 -11.92 -16.05
N GLU A 107 4.88 -13.02 -16.69
CA GLU A 107 5.21 -14.36 -16.20
C GLU A 107 6.71 -14.69 -16.28
N ARG A 108 7.46 -13.85 -16.97
CA ARG A 108 8.92 -13.99 -17.00
C ARG A 108 9.50 -13.80 -15.61
N PHE A 109 8.78 -13.08 -14.75
CA PHE A 109 9.25 -12.77 -13.41
C PHE A 109 8.55 -13.59 -12.34
N LYS A 110 7.89 -14.67 -12.74
CA LYS A 110 7.28 -15.57 -11.78
C LYS A 110 8.28 -16.55 -11.20
N ILE A 111 8.38 -16.57 -9.88
CA ILE A 111 9.21 -17.55 -9.19
C ILE A 111 8.36 -18.77 -8.83
N SER A 112 8.61 -19.87 -9.52
CA SER A 112 7.83 -21.09 -9.32
C SER A 112 8.62 -22.18 -8.62
N THR A 113 9.83 -22.43 -9.11
CA THR A 113 10.68 -23.50 -8.57
C THR A 113 11.70 -22.97 -7.57
N GLY A 114 12.23 -21.78 -7.82
CA GLY A 114 13.24 -21.20 -6.96
C GLY A 114 14.62 -21.77 -7.25
N SER A 115 14.71 -22.56 -8.32
CA SER A 115 15.99 -23.15 -8.73
C SER A 115 16.97 -22.07 -9.17
N SER A 116 18.26 -22.43 -9.18
CA SER A 116 19.32 -21.46 -9.44
C SER A 116 19.25 -20.86 -10.84
N LYS A 117 18.76 -21.63 -11.81
CA LYS A 117 18.74 -21.11 -13.17
C LYS A 117 17.50 -20.26 -13.41
N GLU A 118 16.40 -20.58 -12.72
CA GLU A 118 15.18 -19.79 -12.79
C GLU A 118 15.47 -18.38 -12.30
N LEU A 119 16.11 -18.30 -11.13
CA LEU A 119 16.48 -17.02 -10.55
C LEU A 119 17.55 -16.32 -11.39
N SER A 120 18.37 -17.12 -12.08
CA SER A 120 19.40 -16.59 -12.95
C SER A 120 18.77 -15.89 -14.16
N ASN A 121 17.84 -16.58 -14.81
CA ASN A 121 17.12 -16.01 -15.95
C ASN A 121 16.40 -14.72 -15.60
N ILE A 122 15.80 -14.68 -14.42
CA ILE A 122 15.09 -13.50 -13.94
C ILE A 122 16.06 -12.33 -13.71
N GLN A 123 17.19 -12.63 -13.07
CA GLN A 123 18.19 -11.61 -12.76
C GLN A 123 18.76 -10.95 -14.02
N SER A 124 18.83 -11.72 -15.09
CA SER A 124 19.39 -11.22 -16.35
C SER A 124 18.51 -10.12 -16.97
N LEU A 125 17.21 -10.20 -16.73
CA LEU A 125 16.26 -9.26 -17.32
C LEU A 125 16.33 -7.89 -16.64
N LEU A 126 16.85 -7.88 -15.42
CA LEU A 126 16.90 -6.65 -14.62
C LEU A 126 17.98 -5.69 -15.12
N PRO A 127 17.84 -4.39 -14.79
CA PRO A 127 18.95 -3.47 -15.00
C PRO A 127 20.08 -3.77 -14.02
N ASP A 128 21.27 -3.24 -14.28
CA ASP A 128 22.46 -3.57 -13.50
C ASP A 128 22.29 -3.28 -12.00
N ASN A 129 21.73 -2.12 -11.67
CA ASN A 129 21.56 -1.73 -10.28
C ASN A 129 20.61 -2.67 -9.53
N GLU A 130 19.67 -3.26 -10.26
CA GLU A 130 18.74 -4.22 -9.66
C GLU A 130 19.35 -5.61 -9.65
N LYS A 131 20.29 -5.86 -10.55
CA LYS A 131 21.03 -7.12 -10.56
C LYS A 131 21.84 -7.27 -9.28
N ASN A 132 22.45 -6.16 -8.85
CA ASN A 132 23.24 -6.15 -7.63
C ASN A 132 22.38 -6.45 -6.40
N GLU A 133 21.30 -5.69 -6.26
CA GLU A 133 20.35 -5.91 -5.16
C GLU A 133 19.81 -7.33 -5.17
N PHE A 134 19.60 -7.86 -6.36
CA PHE A 134 19.14 -9.24 -6.51
C PHE A 134 20.20 -10.19 -5.98
N GLN A 135 21.46 -9.90 -6.29
CA GLN A 135 22.58 -10.72 -5.87
C GLN A 135 22.75 -10.70 -4.35
N LEU A 136 22.64 -9.50 -3.77
CA LEU A 136 22.78 -9.33 -2.32
C LEU A 136 21.79 -10.20 -1.54
N VAL A 137 20.56 -10.26 -2.03
CA VAL A 137 19.52 -11.07 -1.41
C VAL A 137 19.86 -12.56 -1.49
N LEU A 138 20.42 -12.96 -2.62
CA LEU A 138 20.82 -14.35 -2.84
C LEU A 138 21.87 -14.79 -1.81
N ASN A 139 22.85 -13.94 -1.59
CA ASN A 139 23.93 -14.24 -0.65
C ASN A 139 23.43 -14.26 0.79
N LYS A 140 22.78 -13.16 1.18
CA LYS A 140 22.31 -12.96 2.56
C LYS A 140 21.43 -14.10 3.07
N TYR A 141 20.63 -14.68 2.19
CA TYR A 141 19.74 -15.76 2.58
C TYR A 141 20.08 -17.06 1.86
N TYR A 142 21.36 -17.38 1.82
CA TYR A 142 21.85 -18.62 1.21
C TYR A 142 21.22 -19.85 1.86
N ASN A 143 20.98 -19.77 3.16
CA ASN A 143 20.50 -20.91 3.94
C ASN A 143 18.99 -21.01 4.00
N ASP A 144 18.33 -19.88 4.25
CA ASP A 144 16.88 -19.85 4.36
C ASP A 144 16.25 -19.65 2.98
N GLN A 145 15.82 -20.75 2.37
CA GLN A 145 15.27 -20.72 1.02
C GLN A 145 14.01 -19.86 0.93
N GLN A 146 13.06 -20.13 1.82
CA GLN A 146 11.79 -19.39 1.83
C GLN A 146 12.00 -17.89 2.05
N LYS A 147 12.91 -17.54 2.95
CA LYS A 147 13.20 -16.14 3.23
C LYS A 147 13.91 -15.50 2.05
N LYS A 148 14.68 -16.30 1.31
CA LYS A 148 15.37 -15.80 0.13
C LYS A 148 14.37 -15.49 -0.97
N LEU A 149 13.45 -16.42 -1.22
CA LEU A 149 12.46 -16.26 -2.27
C LEU A 149 11.50 -15.11 -1.98
N PHE A 150 11.22 -14.88 -0.70
CA PHE A 150 10.33 -13.80 -0.30
C PHE A 150 10.91 -12.43 -0.65
N PHE A 151 12.16 -12.20 -0.26
CA PHE A 151 12.78 -10.90 -0.50
C PHE A 151 13.19 -10.75 -1.96
N LEU A 152 13.23 -11.86 -2.70
CA LEU A 152 13.41 -11.79 -4.14
C LEU A 152 12.13 -11.28 -4.79
N ASN A 153 11.01 -11.88 -4.41
CA ASN A 153 9.70 -11.44 -4.89
C ASN A 153 9.43 -9.98 -4.51
N GLU A 154 9.98 -9.57 -3.37
CA GLU A 154 9.85 -8.21 -2.91
C GLU A 154 10.54 -7.24 -3.87
N LEU A 155 11.67 -7.68 -4.41
CA LEU A 155 12.49 -6.84 -5.28
C LEU A 155 11.93 -6.76 -6.70
N ILE A 156 11.43 -7.88 -7.20
CA ILE A 156 10.94 -7.94 -8.59
C ILE A 156 9.43 -7.73 -8.67
N TRP A 157 8.85 -7.25 -7.57
CA TRP A 157 7.40 -7.06 -7.42
C TRP A 157 6.77 -6.30 -8.57
N ASP A 158 7.31 -5.12 -8.87
CA ASP A 158 6.74 -4.25 -9.88
C ASP A 158 7.06 -4.72 -11.29
N HIS A 159 7.95 -5.71 -11.41
CA HIS A 159 8.23 -6.32 -12.69
C HIS A 159 7.23 -7.43 -12.96
N TYR A 160 6.88 -8.15 -11.91
CA TYR A 160 5.96 -9.28 -12.03
C TYR A 160 4.51 -8.82 -12.13
N LYS A 161 4.12 -7.89 -11.25
CA LYS A 161 2.76 -7.37 -11.25
C LYS A 161 2.71 -6.09 -12.07
N LEU A 162 2.01 -6.15 -13.20
CA LEU A 162 1.97 -5.03 -14.13
C LEU A 162 1.24 -3.83 -13.54
N ARG A 163 1.86 -2.67 -13.67
CA ARG A 163 1.34 -1.45 -13.10
C ARG A 163 1.31 -0.39 -14.19
N TRP A 164 0.16 0.24 -14.38
CA TRP A 164 -0.04 1.14 -15.51
C TRP A 164 -0.33 2.57 -15.10
N LYS A 165 0.37 3.53 -15.70
CA LYS A 165 0.01 4.94 -15.57
C LYS A 165 -1.16 5.23 -16.51
N PRO A 166 -1.97 6.26 -16.19
CA PRO A 166 -3.03 6.68 -17.11
C PRO A 166 -2.52 6.90 -18.54
N GLU A 167 -1.32 7.43 -18.66
CA GLU A 167 -0.66 7.60 -19.96
C GLU A 167 -0.51 6.27 -20.68
N ASP A 168 -0.10 5.24 -19.95
CA ASP A 168 0.11 3.91 -20.50
C ASP A 168 -1.21 3.28 -20.93
N VAL A 169 -2.25 3.48 -20.12
CA VAL A 169 -3.57 2.95 -20.43
C VAL A 169 -4.14 3.57 -21.70
N LEU A 170 -4.11 4.89 -21.79
CA LEU A 170 -4.70 5.60 -22.93
C LEU A 170 -3.93 5.35 -24.22
N ILE A 171 -2.61 5.23 -24.10
CA ILE A 171 -1.76 4.89 -25.24
C ILE A 171 -2.07 3.49 -25.72
N GLY A 172 -2.27 2.57 -24.77
CA GLY A 172 -2.69 1.22 -25.10
C GLY A 172 -1.61 0.18 -24.89
N SER A 173 -0.42 0.62 -24.52
CA SER A 173 0.70 -0.29 -24.31
C SER A 173 1.82 0.34 -23.48
N MET A 174 2.74 -0.49 -23.01
CA MET A 174 3.93 0.03 -22.34
C MET A 174 5.08 -0.95 -22.48
N ASN A 175 6.30 -0.42 -22.37
CA ASN A 175 7.50 -1.24 -22.54
C ASN A 175 7.94 -1.91 -21.24
N LEU A 176 8.21 -3.21 -21.34
CA LEU A 176 8.73 -3.97 -20.21
C LEU A 176 10.21 -4.24 -20.42
N ALA A 177 10.83 -4.95 -19.47
CA ALA A 177 12.25 -5.25 -19.55
C ALA A 177 12.58 -6.11 -20.76
N ASN A 178 13.81 -5.98 -21.25
CA ASN A 178 14.31 -6.73 -22.40
C ASN A 178 13.51 -6.41 -23.67
N ASN A 179 13.17 -5.14 -23.82
CA ASN A 179 12.46 -4.63 -25.01
C ASN A 179 11.22 -5.43 -25.40
N VAL A 180 10.41 -5.79 -24.40
CA VAL A 180 9.14 -6.45 -24.66
C VAL A 180 7.99 -5.48 -24.40
N SER A 181 7.05 -5.41 -25.35
CA SER A 181 5.88 -4.55 -25.21
C SER A 181 4.69 -5.35 -24.71
N VAL A 182 3.84 -4.72 -23.92
CA VAL A 182 2.62 -5.37 -23.46
C VAL A 182 1.40 -4.49 -23.78
N ASN A 183 0.34 -5.13 -24.27
CA ASN A 183 -0.87 -4.44 -24.73
C ASN A 183 -1.93 -4.38 -23.64
N PHE A 184 -2.53 -3.21 -23.44
CA PHE A 184 -3.49 -3.04 -22.35
C PHE A 184 -4.82 -3.76 -22.56
N ARG A 185 -5.39 -3.64 -23.75
CA ARG A 185 -6.65 -4.31 -24.05
C ARG A 185 -6.49 -5.81 -23.88
N GLU A 186 -5.40 -6.34 -24.42
CA GLU A 186 -5.09 -7.75 -24.32
C GLU A 186 -4.99 -8.16 -22.86
N THR A 187 -4.41 -7.29 -22.05
CA THR A 187 -4.21 -7.58 -20.64
C THR A 187 -5.53 -7.66 -19.88
N VAL A 188 -6.37 -6.64 -20.00
CA VAL A 188 -7.60 -6.61 -19.22
C VAL A 188 -8.61 -7.65 -19.72
N GLU A 189 -8.58 -7.96 -21.01
CA GLU A 189 -9.53 -8.91 -21.58
C GLU A 189 -9.14 -10.36 -21.29
N ASN A 190 -7.93 -10.55 -20.75
CA ASN A 190 -7.51 -11.88 -20.30
C ASN A 190 -7.29 -11.93 -18.80
N ASN A 191 -7.87 -10.97 -18.08
CA ASN A 191 -7.81 -10.96 -16.63
C ASN A 191 -9.19 -10.81 -16.01
N SER A 192 -9.26 -10.68 -14.69
CA SER A 192 -10.53 -10.74 -13.99
C SER A 192 -10.72 -9.59 -13.00
N THR A 193 -9.64 -8.98 -12.57
CA THR A 193 -9.72 -7.84 -11.67
C THR A 193 -8.76 -6.74 -12.07
N ILE A 194 -9.12 -5.51 -11.69
CA ILE A 194 -8.26 -4.35 -11.88
C ILE A 194 -8.20 -3.56 -10.58
N LEU A 195 -7.00 -3.15 -10.19
CA LEU A 195 -6.85 -2.28 -9.03
C LEU A 195 -6.61 -0.84 -9.46
N LEU A 196 -7.39 0.08 -8.91
CA LEU A 196 -7.21 1.50 -9.17
C LEU A 196 -6.72 2.20 -7.90
N GLN A 197 -5.56 2.84 -8.00
CA GLN A 197 -5.01 3.58 -6.88
C GLN A 197 -5.26 5.07 -7.04
N TYR A 198 -6.30 5.56 -6.37
CA TYR A 198 -6.65 6.97 -6.42
C TYR A 198 -6.03 7.76 -5.28
N TYR A 199 -5.93 9.07 -5.48
CA TYR A 199 -5.67 10.00 -4.40
C TYR A 199 -6.68 11.16 -4.46
N VAL A 200 -7.35 11.40 -3.34
CA VAL A 200 -8.35 12.46 -3.26
C VAL A 200 -8.07 13.36 -2.05
N LYS A 201 -8.32 14.65 -2.22
CA LYS A 201 -8.22 15.58 -1.10
C LYS A 201 -9.29 15.27 -0.05
N LEU A 202 -8.85 14.77 1.10
CA LEU A 202 -9.72 14.54 2.23
C LEU A 202 -9.10 15.18 3.47
N GLY A 203 -9.60 16.36 3.83
CA GLY A 203 -8.98 17.14 4.89
C GLY A 203 -7.91 18.04 4.33
N SER A 204 -6.71 17.98 4.90
CA SER A 204 -5.66 18.93 4.55
C SER A 204 -4.57 18.33 3.67
N TYR A 205 -4.68 17.05 3.36
CA TYR A 205 -3.70 16.39 2.49
C TYR A 205 -4.33 15.25 1.68
N PRO A 206 -3.67 14.82 0.59
CA PRO A 206 -4.23 13.76 -0.25
C PRO A 206 -4.31 12.41 0.46
N VAL A 207 -5.43 11.71 0.27
CA VAL A 207 -5.63 10.40 0.87
C VAL A 207 -5.85 9.36 -0.23
N GLY A 208 -5.26 8.19 -0.05
CA GLY A 208 -5.35 7.14 -1.05
C GLY A 208 -6.65 6.37 -0.96
N ILE A 209 -7.23 6.08 -2.11
CA ILE A 209 -8.41 5.22 -2.18
C ILE A 209 -8.15 4.09 -3.17
N ASP A 210 -8.10 2.88 -2.66
CA ASP A 210 -7.87 1.71 -3.50
C ASP A 210 -9.20 1.07 -3.90
N VAL A 211 -9.46 1.05 -5.21
CA VAL A 211 -10.66 0.45 -5.74
C VAL A 211 -10.34 -0.80 -6.55
N VAL A 212 -10.83 -1.94 -6.08
CA VAL A 212 -10.70 -3.18 -6.83
C VAL A 212 -11.94 -3.38 -7.69
N ILE A 213 -11.74 -3.46 -9.01
CA ILE A 213 -12.83 -3.75 -9.93
C ILE A 213 -12.88 -5.26 -10.20
N ASN A 214 -13.97 -5.90 -9.79
CA ASN A 214 -14.15 -7.32 -10.05
C ASN A 214 -15.18 -7.53 -11.17
N TYR A 215 -14.69 -7.79 -12.38
CA TYR A 215 -15.56 -7.91 -13.54
C TYR A 215 -15.70 -9.34 -14.06
N GLN A 216 -15.53 -10.29 -13.14
CA GLN A 216 -15.95 -11.66 -13.37
C GLN A 216 -16.72 -12.06 -12.12
N LYS A 217 -17.35 -13.24 -12.12
CA LYS A 217 -18.12 -13.64 -10.95
C LYS A 217 -17.25 -14.49 -10.01
N ILE A 218 -15.95 -14.19 -10.01
CA ILE A 218 -15.00 -15.00 -9.25
C ILE A 218 -15.03 -14.72 -7.75
N ASP A 219 -14.62 -15.72 -6.99
CA ASP A 219 -14.57 -15.62 -5.53
C ASP A 219 -13.25 -15.01 -5.08
N LEU A 220 -13.31 -13.87 -4.41
CA LEU A 220 -12.10 -13.15 -4.00
C LEU A 220 -11.52 -13.69 -2.69
N THR A 221 -12.14 -14.72 -2.14
CA THR A 221 -11.71 -15.29 -0.87
C THR A 221 -10.24 -15.79 -0.88
N PRO A 222 -9.82 -16.54 -1.92
CA PRO A 222 -8.41 -16.94 -1.90
C PRO A 222 -7.44 -15.78 -2.02
N ALA A 223 -7.91 -14.65 -2.56
CA ALA A 223 -7.06 -13.48 -2.70
C ALA A 223 -6.87 -12.78 -1.35
N TYR A 224 -7.94 -12.75 -0.55
CA TYR A 224 -7.87 -12.16 0.78
C TYR A 224 -7.00 -12.99 1.72
N LYS A 225 -7.20 -14.31 1.68
CA LYS A 225 -6.40 -15.23 2.48
C LYS A 225 -4.93 -15.11 2.12
N ASN A 226 -4.65 -14.98 0.83
CA ASN A 226 -3.30 -14.81 0.34
C ASN A 226 -2.70 -13.48 0.78
N ALA A 227 -3.51 -12.42 0.73
CA ALA A 227 -3.07 -11.10 1.16
C ALA A 227 -2.79 -11.09 2.66
N ALA A 228 -3.57 -11.84 3.42
CA ALA A 228 -3.36 -11.95 4.87
C ALA A 228 -2.06 -12.69 5.16
N LEU A 229 -1.81 -13.76 4.43
CA LEU A 229 -0.60 -14.55 4.62
C LEU A 229 0.64 -13.74 4.24
N TYR A 230 0.54 -12.97 3.17
CA TYR A 230 1.65 -12.11 2.73
C TYR A 230 2.02 -11.10 3.79
N GLN A 231 1.02 -10.47 4.40
CA GLN A 231 1.25 -9.47 5.42
C GLN A 231 1.93 -10.11 6.64
N LEU A 232 1.52 -11.32 6.98
CA LEU A 232 2.13 -12.07 8.06
C LEU A 232 3.62 -12.29 7.80
N GLN A 233 3.94 -12.74 6.58
CA GLN A 233 5.32 -13.04 6.22
C GLN A 233 6.16 -11.76 6.16
N LEU A 234 5.59 -10.71 5.59
CA LEU A 234 6.28 -9.43 5.50
C LEU A 234 6.68 -8.91 6.89
N ALA A 235 5.74 -8.97 7.82
CA ALA A 235 5.96 -8.47 9.17
C ALA A 235 6.96 -9.34 9.92
N ASN A 236 6.77 -10.65 9.85
CA ASN A 236 7.62 -11.59 10.59
C ASN A 236 9.06 -11.67 10.07
N TYR A 237 9.22 -11.74 8.75
CA TYR A 237 10.56 -11.83 8.16
C TYR A 237 11.39 -10.58 8.43
N SER A 238 10.72 -9.49 8.75
CA SER A 238 11.40 -8.22 9.02
C SER A 238 11.41 -7.94 10.52
N ARG A 239 10.78 -8.83 11.29
CA ARG A 239 10.65 -8.69 12.74
C ARG A 239 10.04 -7.35 13.15
N GLU A 240 9.01 -6.94 12.42
CA GLU A 240 8.28 -5.72 12.73
C GLU A 240 7.11 -6.04 13.67
N TYR A 241 7.39 -6.01 14.97
CA TYR A 241 6.48 -6.55 15.98
C TYR A 241 5.11 -5.85 16.00
N TYR A 242 5.08 -4.60 15.57
CA TYR A 242 3.80 -3.89 15.47
C TYR A 242 2.91 -4.52 14.43
N TYR A 243 3.45 -4.73 13.22
CA TYR A 243 2.67 -5.34 12.15
C TYR A 243 2.46 -6.83 12.38
N MET A 244 3.31 -7.44 13.20
CA MET A 244 3.14 -8.84 13.57
C MET A 244 1.92 -9.02 14.47
N LEU A 245 1.36 -7.92 14.96
CA LEU A 245 0.12 -7.97 15.74
C LEU A 245 -1.09 -8.20 14.84
N PHE A 246 -0.97 -7.81 13.57
CA PHE A 246 -2.09 -7.88 12.64
C PHE A 246 -2.65 -9.30 12.47
N PRO A 247 -1.78 -10.31 12.27
CA PRO A 247 -2.35 -11.66 12.19
C PRO A 247 -3.06 -12.11 13.46
N LEU A 248 -2.60 -11.64 14.62
CA LEU A 248 -3.21 -12.00 15.89
C LEU A 248 -4.63 -11.46 16.00
N ARG A 249 -4.87 -10.34 15.33
CA ARG A 249 -6.20 -9.74 15.30
C ARG A 249 -7.18 -10.67 14.59
N TYR A 250 -6.69 -11.38 13.57
CA TYR A 250 -7.49 -12.39 12.89
C TYR A 250 -7.79 -13.58 13.81
N TYR A 251 -6.74 -14.08 14.44
CA TYR A 251 -6.85 -15.29 15.25
C TYR A 251 -7.79 -15.12 16.45
N PHE A 252 -7.83 -13.92 17.01
CA PHE A 252 -8.64 -13.69 18.21
C PHE A 252 -9.95 -12.96 17.93
N LYS A 253 -10.42 -13.00 16.68
CA LYS A 253 -11.61 -12.23 16.30
C LYS A 253 -12.88 -12.70 17.02
N ASN A 254 -12.86 -13.91 17.56
CA ASN A 254 -14.00 -14.44 18.29
C ASN A 254 -13.95 -14.07 19.76
N ASN A 255 -12.75 -13.84 20.27
CA ASN A 255 -12.56 -13.40 21.65
C ASN A 255 -12.76 -11.89 21.74
N GLN A 256 -13.83 -11.47 22.40
CA GLN A 256 -14.19 -10.06 22.46
C GLN A 256 -13.17 -9.19 23.19
N ASP A 257 -12.71 -9.66 24.35
CA ASP A 257 -11.78 -8.90 25.17
C ASP A 257 -10.42 -8.71 24.48
N ILE A 258 -9.88 -9.80 23.95
CA ILE A 258 -8.58 -9.74 23.27
C ILE A 258 -8.66 -8.90 22.00
N SER A 259 -9.80 -9.00 21.30
CA SER A 259 -10.00 -8.23 20.07
C SER A 259 -9.99 -6.74 20.34
N GLN A 260 -10.66 -6.34 21.43
CA GLN A 260 -10.74 -4.92 21.79
C GLN A 260 -9.38 -4.36 22.17
N ARG A 261 -8.59 -5.18 22.87
CA ARG A 261 -7.27 -4.75 23.31
C ARG A 261 -6.30 -4.64 22.13
N LEU A 262 -6.34 -5.63 21.25
CA LEU A 262 -5.50 -5.61 20.05
C LEU A 262 -5.85 -4.44 19.14
N GLU A 263 -7.15 -4.18 18.99
CA GLU A 263 -7.60 -3.07 18.15
C GLU A 263 -7.16 -1.74 18.76
N ASN A 264 -7.19 -1.65 20.08
CA ASN A 264 -6.77 -0.43 20.77
C ASN A 264 -5.28 -0.20 20.59
N ILE A 265 -4.49 -1.25 20.79
CA ILE A 265 -3.04 -1.16 20.65
C ILE A 265 -2.67 -0.73 19.23
N ILE A 266 -3.26 -1.39 18.25
CA ILE A 266 -2.94 -1.11 16.85
C ILE A 266 -3.48 0.24 16.35
N GLU A 267 -4.76 0.51 16.61
CA GLU A 267 -5.41 1.66 15.98
C GLU A 267 -5.41 2.92 16.83
N LYS A 268 -5.43 2.76 18.15
CA LYS A 268 -5.52 3.91 19.05
C LYS A 268 -4.18 4.24 19.72
N LYS A 269 -3.63 3.29 20.45
CA LYS A 269 -2.35 3.51 21.13
C LYS A 269 -1.24 3.93 20.15
N TYR A 270 -1.09 3.18 19.07
CA TYR A 270 -0.01 3.45 18.10
C TYR A 270 -0.52 3.82 16.70
N GLY A 271 -1.81 4.15 16.61
CA GLY A 271 -2.43 4.45 15.32
C GLY A 271 -1.74 5.53 14.49
N LEU A 272 -1.18 6.53 15.16
CA LEU A 272 -0.55 7.65 14.46
C LEU A 272 0.77 7.25 13.83
N TYR A 273 1.44 6.26 14.43
CA TYR A 273 2.65 5.70 13.84
C TYR A 273 2.34 5.08 12.49
N LYS A 274 1.29 4.27 12.46
CA LYS A 274 0.86 3.63 11.21
C LYS A 274 0.46 4.67 10.18
N GLN A 275 -0.30 5.68 10.60
CA GLN A 275 -0.77 6.70 9.69
C GLN A 275 0.39 7.48 9.07
N LEU A 276 1.35 7.85 9.88
CA LEU A 276 2.51 8.60 9.39
C LEU A 276 3.32 7.79 8.39
N MET A 277 3.41 6.49 8.61
CA MET A 277 4.11 5.61 7.68
C MET A 277 3.37 5.57 6.34
N VAL A 278 2.04 5.46 6.39
CA VAL A 278 1.23 5.48 5.17
C VAL A 278 1.35 6.81 4.44
N ARG A 279 1.31 7.90 5.20
CA ARG A 279 1.41 9.24 4.62
C ARG A 279 2.76 9.47 3.94
N ILE A 280 3.82 8.92 4.52
CA ILE A 280 5.14 9.01 3.92
C ILE A 280 5.19 8.18 2.63
N ASP A 281 4.56 7.01 2.66
CA ASP A 281 4.51 6.15 1.49
C ASP A 281 3.72 6.85 0.38
N ASP A 282 2.62 7.51 0.76
CA ASP A 282 1.79 8.22 -0.21
C ASP A 282 2.57 9.34 -0.88
N TYR A 283 3.47 9.97 -0.12
CA TYR A 283 4.35 10.99 -0.68
C TYR A 283 5.17 10.36 -1.79
N HIS A 284 5.81 9.24 -1.49
CA HIS A 284 6.66 8.54 -2.43
C HIS A 284 5.88 8.07 -3.66
N THR A 285 4.67 7.55 -3.43
CA THR A 285 3.83 7.06 -4.51
C THR A 285 3.41 8.20 -5.44
N LEU A 286 2.98 9.31 -4.86
CA LEU A 286 2.60 10.49 -5.63
C LEU A 286 3.78 11.03 -6.42
N TYR A 287 4.97 10.91 -5.83
CA TYR A 287 6.20 11.38 -6.45
C TYR A 287 6.57 10.54 -7.68
N LYS A 288 6.71 9.23 -7.49
CA LYS A 288 7.17 8.34 -8.55
C LYS A 288 6.11 8.14 -9.64
N SER A 289 4.85 8.42 -9.33
CA SER A 289 3.80 8.30 -10.33
C SER A 289 3.70 9.58 -11.16
N GLY A 290 4.36 10.63 -10.70
CA GLY A 290 4.41 11.89 -11.42
C GLY A 290 3.26 12.84 -11.11
N ASN A 291 2.69 12.72 -9.92
CA ASN A 291 1.55 13.55 -9.54
C ASN A 291 1.84 14.47 -8.37
N LEU A 292 3.12 14.73 -8.11
CA LEU A 292 3.51 15.53 -6.96
C LEU A 292 4.13 16.88 -7.33
N LYS A 293 3.38 17.95 -7.12
CA LYS A 293 3.90 19.31 -7.32
C LYS A 293 4.42 19.86 -6.00
N ILE A 294 5.19 20.94 -6.07
CA ILE A 294 5.89 21.47 -4.91
C ILE A 294 4.95 21.92 -3.79
N ASP A 295 3.79 22.45 -4.16
CA ASP A 295 2.81 22.91 -3.17
C ASP A 295 2.25 21.74 -2.37
N MET A 296 1.88 20.68 -3.07
CA MET A 296 1.36 19.47 -2.44
C MET A 296 2.42 18.83 -1.55
N ALA A 297 3.64 18.74 -2.08
CA ALA A 297 4.74 18.13 -1.35
C ALA A 297 5.08 18.90 -0.08
N THR A 298 5.06 20.23 -0.18
CA THR A 298 5.38 21.09 0.96
C THR A 298 4.34 20.94 2.06
N ASN A 299 3.06 20.95 1.69
CA ASN A 299 1.97 20.79 2.64
C ASN A 299 2.05 19.46 3.39
N ILE A 300 2.39 18.40 2.68
CA ILE A 300 2.51 17.07 3.26
C ILE A 300 3.64 17.04 4.29
N VAL A 301 4.80 17.54 3.89
CA VAL A 301 5.96 17.62 4.77
C VAL A 301 5.67 18.44 6.02
N ILE A 302 4.95 19.55 5.85
CA ILE A 302 4.56 20.38 6.99
C ILE A 302 3.70 19.58 7.96
N GLY A 303 2.68 18.91 7.43
CA GLY A 303 1.79 18.09 8.25
C GLY A 303 2.51 16.95 8.95
N ILE A 304 3.49 16.38 8.26
CA ILE A 304 4.26 15.28 8.82
C ILE A 304 5.17 15.77 9.94
N LEU A 305 5.82 16.93 9.74
CA LEU A 305 6.65 17.54 10.77
C LEU A 305 5.85 17.89 12.01
N ARG A 306 4.63 18.37 11.80
CA ARG A 306 3.72 18.70 12.89
C ARG A 306 3.36 17.46 13.72
N ASP A 307 2.96 16.40 13.04
CA ASP A 307 2.46 15.21 13.72
C ASP A 307 3.58 14.34 14.31
N ILE A 308 4.79 14.50 13.78
CA ILE A 308 5.96 13.84 14.34
C ILE A 308 6.17 14.26 15.80
N GLU A 309 5.87 15.52 16.09
CA GLU A 309 6.00 16.07 17.44
C GLU A 309 5.01 15.43 18.42
N LYS A 310 3.99 14.78 17.89
CA LYS A 310 2.98 14.14 18.73
C LYS A 310 3.31 12.69 19.04
N LEU A 311 4.46 12.23 18.56
CA LEU A 311 4.94 10.89 18.90
C LEU A 311 5.78 10.98 20.17
N PRO A 312 5.25 10.46 21.29
CA PRO A 312 5.85 10.60 22.62
C PRO A 312 7.27 10.06 22.71
N GLY A 313 8.24 10.94 22.88
CA GLY A 313 9.62 10.53 23.08
C GLY A 313 10.37 10.23 21.80
N PHE A 314 9.77 10.59 20.66
CA PHE A 314 10.40 10.34 19.38
C PHE A 314 11.46 11.39 19.08
N GLU A 315 12.69 10.93 18.84
CA GLU A 315 13.77 11.82 18.44
C GLU A 315 14.32 11.41 17.08
N SER A 316 14.72 12.40 16.29
CA SER A 316 15.26 12.14 14.95
C SER A 316 16.11 13.29 14.44
N ASP A 317 17.30 12.96 13.94
CA ASP A 317 18.18 13.94 13.33
C ASP A 317 17.66 14.37 11.96
N THR A 318 16.82 13.54 11.37
CA THR A 318 16.25 13.80 10.05
C THR A 318 15.39 15.06 10.04
N ILE A 319 14.73 15.32 11.17
CA ILE A 319 13.83 16.45 11.29
C ILE A 319 14.53 17.77 10.97
N TYR A 320 15.76 17.92 11.45
CA TYR A 320 16.55 19.10 11.17
C TYR A 320 16.94 19.17 9.70
N GLN A 321 17.35 18.02 9.15
CA GLN A 321 17.76 17.93 7.76
C GLN A 321 16.63 18.30 6.80
N ILE A 322 15.40 17.94 7.19
CA ILE A 322 14.22 18.25 6.39
C ILE A 322 13.92 19.73 6.40
N LYS A 323 13.98 20.35 7.58
CA LYS A 323 13.75 21.78 7.72
C LYS A 323 14.84 22.57 6.99
N LYS A 324 16.06 22.03 7.00
CA LYS A 324 17.21 22.66 6.38
C LYS A 324 17.04 22.72 4.85
N VAL A 325 16.55 21.63 4.28
CA VAL A 325 16.32 21.54 2.84
C VAL A 325 15.26 22.55 2.38
N ALA A 326 14.27 22.81 3.24
CA ALA A 326 13.15 23.67 2.90
C ALA A 326 13.57 25.11 2.57
N THR A 327 14.77 25.50 2.98
CA THR A 327 15.28 26.84 2.70
C THR A 327 15.63 27.01 1.23
N ASN A 328 15.89 25.90 0.55
CA ASN A 328 16.24 25.91 -0.87
C ASN A 328 15.14 26.53 -1.73
N ASN A 329 15.52 27.00 -2.92
CA ASN A 329 14.56 27.64 -3.82
C ASN A 329 14.08 26.72 -4.92
N SER A 330 14.94 25.80 -5.35
CA SER A 330 14.61 24.86 -6.43
C SER A 330 13.59 23.82 -5.96
N PRO A 331 12.39 23.83 -6.58
CA PRO A 331 11.31 22.92 -6.22
C PRO A 331 11.68 21.45 -6.39
N SER A 332 12.35 21.12 -7.49
CA SER A 332 12.70 19.74 -7.80
C SER A 332 13.71 19.18 -6.81
N ILE A 333 14.63 20.03 -6.37
CA ILE A 333 15.64 19.63 -5.39
C ILE A 333 14.99 19.32 -4.05
N LYS A 334 14.07 20.20 -3.64
CA LYS A 334 13.38 20.05 -2.37
C LYS A 334 12.55 18.76 -2.33
N ILE A 335 11.76 18.53 -3.38
CA ILE A 335 10.93 17.34 -3.46
C ILE A 335 11.77 16.07 -3.45
N GLU A 336 12.87 16.07 -4.19
CA GLU A 336 13.75 14.91 -4.24
C GLU A 336 14.47 14.68 -2.91
N GLU A 337 15.00 15.74 -2.31
CA GLU A 337 15.71 15.63 -1.05
C GLU A 337 14.78 15.20 0.08
N TRP A 338 13.58 15.77 0.10
CA TRP A 338 12.55 15.38 1.05
C TRP A 338 12.22 13.90 0.90
N ASP A 339 12.11 13.44 -0.34
CA ASP A 339 11.78 12.05 -0.60
C ASP A 339 12.83 11.12 -0.01
N ILE A 340 14.10 11.47 -0.20
CA ILE A 340 15.20 10.67 0.35
C ILE A 340 15.19 10.68 1.88
N LEU A 341 14.93 11.85 2.46
CA LEU A 341 14.93 12.00 3.91
C LEU A 341 13.73 11.29 4.55
N LEU A 342 12.58 11.34 3.89
CA LEU A 342 11.37 10.73 4.43
C LEU A 342 11.46 9.21 4.47
N LYS A 343 12.28 8.62 3.59
CA LYS A 343 12.53 7.19 3.62
C LYS A 343 13.22 6.81 4.93
N VAL A 344 14.15 7.66 5.35
CA VAL A 344 14.85 7.43 6.60
C VAL A 344 13.91 7.62 7.79
N LEU A 345 13.15 8.71 7.77
CA LEU A 345 12.16 9.00 8.80
C LEU A 345 11.15 7.85 8.94
N TYR A 346 10.75 7.28 7.81
CA TYR A 346 9.85 6.15 7.77
C TYR A 346 10.39 4.98 8.60
N GLN A 347 11.65 4.66 8.41
CA GLN A 347 12.26 3.53 9.10
C GLN A 347 12.48 3.82 10.58
N GLU A 348 12.69 5.10 10.90
CA GLU A 348 12.81 5.52 12.29
C GLU A 348 11.47 5.38 13.02
N ILE A 349 10.39 5.81 12.35
CA ILE A 349 9.05 5.61 12.89
C ILE A 349 8.74 4.12 13.01
N ASN A 350 9.08 3.37 11.98
CA ASN A 350 8.88 1.93 11.95
C ASN A 350 9.62 1.25 13.11
N THR A 351 10.87 1.64 13.31
CA THR A 351 11.69 1.09 14.39
C THR A 351 11.09 1.42 15.75
N ALA A 352 10.66 2.67 15.91
CA ALA A 352 10.08 3.13 17.18
C ALA A 352 8.83 2.37 17.55
N VAL A 353 7.92 2.17 16.60
CA VAL A 353 6.64 1.54 16.92
C VAL A 353 6.81 0.03 17.09
N ASN A 354 7.78 -0.56 16.41
CA ASN A 354 8.04 -1.98 16.53
C ASN A 354 8.69 -2.32 17.88
N ASN A 355 9.55 -1.42 18.36
CA ASN A 355 10.13 -1.58 19.69
C ASN A 355 9.08 -1.52 20.80
N LYS A 356 8.17 -0.56 20.70
CA LYS A 356 7.11 -0.40 21.67
C LYS A 356 6.12 -1.54 21.64
N SER A 357 5.98 -2.18 20.48
CA SER A 357 4.96 -3.21 20.30
C SER A 357 5.46 -4.61 20.60
N ARG A 358 6.78 -4.77 20.74
CA ARG A 358 7.36 -6.08 21.00
C ARG A 358 6.77 -6.74 22.23
N LYS A 359 6.61 -5.94 23.31
CA LYS A 359 6.05 -6.46 24.55
C LYS A 359 4.63 -6.98 24.36
N TYR A 360 3.86 -6.29 23.51
CA TYR A 360 2.48 -6.69 23.28
C TYR A 360 2.40 -7.92 22.38
N PHE A 361 3.29 -8.02 21.39
CA PHE A 361 3.29 -9.20 20.55
C PHE A 361 3.54 -10.48 21.35
N TYR A 362 4.57 -10.47 22.20
CA TYR A 362 4.90 -11.68 22.95
C TYR A 362 3.85 -11.97 24.02
N ARG A 363 3.20 -10.93 24.51
CA ARG A 363 2.13 -11.10 25.48
C ARG A 363 0.97 -11.91 24.89
N TYR A 364 0.65 -11.64 23.63
CA TYR A 364 -0.54 -12.24 23.02
C TYR A 364 -0.23 -13.49 22.18
N ILE A 365 1.00 -13.63 21.70
CA ILE A 365 1.38 -14.85 20.98
C ILE A 365 1.53 -15.99 21.99
N ALA A 366 1.82 -15.64 23.24
CA ALA A 366 1.92 -16.63 24.31
C ALA A 366 0.55 -17.13 24.73
N MET A 367 -0.49 -16.40 24.34
CA MET A 367 -1.86 -16.81 24.61
C MET A 367 -2.40 -17.68 23.49
N VAL A 368 -1.58 -17.87 22.46
CA VAL A 368 -1.92 -18.75 21.35
C VAL A 368 -1.41 -20.15 21.63
N PRO A 369 -2.30 -21.16 21.55
CA PRO A 369 -1.92 -22.57 21.70
C PRO A 369 -0.74 -22.93 20.80
N PRO A 370 0.27 -23.61 21.37
CA PRO A 370 1.54 -23.96 20.72
C PRO A 370 1.41 -24.51 19.30
N GLN A 371 0.34 -25.26 19.03
CA GLN A 371 0.16 -25.87 17.71
C GLN A 371 -0.28 -24.83 16.68
N ASP A 372 -0.82 -23.71 17.15
CA ASP A 372 -1.33 -22.67 16.27
C ASP A 372 -0.38 -21.49 16.14
N ARG A 373 0.75 -21.55 16.83
CA ARG A 373 1.73 -20.46 16.80
C ARG A 373 2.41 -20.39 15.43
N SER A 374 2.52 -21.52 14.76
CA SER A 374 3.18 -21.58 13.46
C SER A 374 2.43 -20.76 12.41
N LYS A 375 1.12 -20.69 12.53
CA LYS A 375 0.30 -19.95 11.57
C LYS A 375 0.03 -18.52 12.01
N ASN A 376 0.72 -18.07 13.05
CA ASN A 376 0.59 -16.70 13.52
C ASN A 376 1.96 -16.07 13.80
N TYR A 377 3.02 -16.83 13.55
CA TYR A 377 4.36 -16.42 13.95
C TYR A 377 5.43 -17.24 13.25
N ILE A 378 6.41 -16.56 12.66
CA ILE A 378 7.56 -17.22 12.07
C ILE A 378 8.75 -17.15 13.02
N SER A 379 9.10 -18.27 13.63
CA SER A 379 10.19 -18.30 14.60
C SER A 379 11.54 -18.05 13.96
MG MG B . -5.19 -0.01 0.88
MG MG C . -6.41 0.32 4.17
NA NA D . -7.22 13.91 -12.51
PG GTP E . -4.58 -2.35 3.40
O1G GTP E . -5.02 -0.91 3.23
O2G GTP E . -3.13 -2.58 3.02
O3G GTP E . -5.55 -3.36 2.82
O3B GTP E . -4.59 -2.62 5.01
PB GTP E . -5.82 -2.27 6.01
O1B GTP E . -6.80 -1.30 5.38
O2B GTP E . -6.35 -3.58 6.56
O3A GTP E . -5.02 -1.57 7.24
PA GTP E . -4.57 -0.02 7.19
O1A GTP E . -4.97 0.59 5.87
O2A GTP E . -4.97 0.66 8.48
O5' GTP E . -2.97 -0.20 7.19
C5' GTP E . -2.34 -0.56 5.97
C4' GTP E . -0.95 0.05 5.90
O4' GTP E . -0.09 -0.53 6.87
C3' GTP E . -0.33 -0.23 4.54
O3' GTP E . -0.49 0.89 3.67
C2' GTP E . 1.15 -0.44 4.84
O2' GTP E . 1.82 0.78 4.55
C1' GTP E . 1.23 -0.71 6.33
N9 GTP E . 1.69 -2.09 6.61
C8 GTP E . 0.90 -3.18 6.77
N7 GTP E . 1.65 -4.30 7.02
C5 GTP E . 2.94 -3.92 7.01
C6 GTP E . 4.25 -4.60 7.21
O6 GTP E . 4.30 -5.83 7.44
N1 GTP E . 5.36 -3.85 7.12
C2 GTP E . 5.32 -2.54 6.87
N2 GTP E . 6.48 -1.84 6.80
N3 GTP E . 4.16 -1.85 6.68
C4 GTP E . 2.97 -2.48 6.74
#